data_9RVP
#
_entry.id   9RVP
#
_cell.length_a   104.191
_cell.length_b   45.931
_cell.length_c   65.720
_cell.angle_alpha   90.000
_cell.angle_beta   127.340
_cell.angle_gamma   90.000
#
_symmetry.space_group_name_H-M   'C 1 2 1'
#
loop_
_entity.id
_entity.type
_entity.pdbx_description
1 polymer 'Genome polyprotein'
2 polymer 'RNA pseudoknot'
3 water water
#
loop_
_entity_poly.entity_id
_entity_poly.type
_entity_poly.pdbx_seq_one_letter_code
_entity_poly.pdbx_strand_id
1 'polypeptide(L)'
;GSHMNPASLYRIDLFITFTDELITFDYKVHGRPVLTFRIPGFGLTPAGRMLVCMGEKPAHSPFTSSKSLYHVIFTSTCNS
FSFTIYKGRYRSWKKPIHDELVDRGYTTFREFFKAVRGYHADYYKQRLIHDVEMNPG
;
A
2 'polyribonucleotide' CAAGGUGCGGUGCUAACUAAAUCCCUAGCACCCC B
#
# COMPACT_ATOMS: atom_id res chain seq x y z
N LEU A 9 6.41 16.63 -9.62
CA LEU A 9 5.47 15.50 -9.49
C LEU A 9 6.13 14.13 -9.30
N TYR A 10 6.05 13.61 -8.08
CA TYR A 10 6.59 12.33 -7.70
C TYR A 10 5.47 11.30 -7.64
N ARG A 11 5.83 10.04 -7.90
CA ARG A 11 4.87 8.94 -7.91
C ARG A 11 5.54 7.68 -7.44
N ILE A 12 4.84 6.94 -6.58
CA ILE A 12 5.24 5.62 -6.16
C ILE A 12 4.03 4.71 -6.28
N ASP A 13 4.25 3.51 -6.84
CA ASP A 13 3.22 2.50 -6.92
C ASP A 13 3.54 1.42 -5.89
N LEU A 14 2.55 1.06 -5.08
CA LEU A 14 2.68 -0.02 -4.09
C LEU A 14 1.61 -1.06 -4.37
N PHE A 15 2.06 -2.30 -4.61
CA PHE A 15 1.22 -3.45 -4.83
C PHE A 15 1.22 -4.33 -3.60
N ILE A 16 0.04 -4.59 -3.03
CA ILE A 16 -0.09 -5.36 -1.82
C ILE A 16 -0.83 -6.66 -2.19
N THR A 17 -0.19 -7.77 -1.93
CA THR A 17 -0.74 -9.10 -2.20
C THR A 17 -1.09 -9.76 -0.86
N PHE A 18 -2.33 -10.16 -0.71
CA PHE A 18 -2.84 -10.78 0.50
C PHE A 18 -3.06 -12.28 0.28
N THR A 19 -2.41 -13.09 1.12
CA THR A 19 -2.80 -14.50 1.30
C THR A 19 -2.94 -14.73 2.80
N ASP A 20 -3.44 -15.89 3.16
CA ASP A 20 -3.57 -16.20 4.58
C ASP A 20 -2.21 -16.36 5.24
N GLU A 21 -1.21 -16.80 4.47
CA GLU A 21 0.12 -17.05 5.00
C GLU A 21 1.04 -15.84 4.95
N LEU A 22 0.90 -14.97 3.95
CA LEU A 22 1.79 -13.82 3.81
C LEU A 22 1.05 -12.63 3.26
N ILE A 23 1.47 -11.44 3.66
CA ILE A 23 1.05 -10.19 3.01
C ILE A 23 2.32 -9.51 2.50
N THR A 24 2.38 -9.24 1.21
CA THR A 24 3.56 -8.74 0.52
C THR A 24 3.34 -7.33 0.00
N PHE A 25 4.30 -6.45 0.28
CA PHE A 25 4.27 -5.06 -0.13
C PHE A 25 5.39 -4.81 -1.15
N ASP A 26 5.04 -4.46 -2.37
CA ASP A 26 6.01 -4.19 -3.44
C ASP A 26 5.96 -2.72 -3.90
N TYR A 27 6.97 -1.97 -3.57
CA TYR A 27 7.04 -0.55 -3.97
C TYR A 27 7.80 -0.41 -5.30
N LYS A 28 7.29 0.41 -6.18
CA LYS A 28 7.88 0.64 -7.49
C LYS A 28 8.02 2.11 -7.79
N VAL A 29 9.12 2.45 -8.46
CA VAL A 29 9.34 3.79 -9.00
C VAL A 29 9.63 3.64 -10.50
N HIS A 30 8.92 4.41 -11.31
CA HIS A 30 8.87 4.15 -12.75
C HIS A 30 8.56 2.69 -13.04
N GLY A 31 7.77 2.08 -12.18
CA GLY A 31 7.28 0.73 -12.43
C GLY A 31 8.32 -0.34 -12.17
N ARG A 32 9.51 0.04 -11.68
CA ARG A 32 10.58 -0.90 -11.41
C ARG A 32 10.85 -1.01 -9.91
N PRO A 33 11.38 -2.14 -9.45
CA PRO A 33 11.33 -2.45 -8.01
C PRO A 33 12.36 -1.66 -7.23
N VAL A 34 11.91 -1.05 -6.13
CA VAL A 34 12.78 -0.26 -5.25
C VAL A 34 12.80 -0.79 -3.83
N LEU A 35 11.66 -1.27 -3.33
CA LEU A 35 11.56 -1.77 -1.97
C LEU A 35 10.46 -2.82 -1.89
N THR A 36 10.73 -3.88 -1.13
CA THR A 36 9.70 -4.89 -0.84
C THR A 36 9.87 -5.41 0.58
N PHE A 37 8.76 -5.81 1.17
CA PHE A 37 8.79 -6.55 2.42
C PHE A 37 7.52 -7.35 2.57
N ARG A 38 7.59 -8.39 3.42
CA ARG A 38 6.45 -9.28 3.62
C ARG A 38 6.30 -9.57 5.11
N ILE A 39 5.04 -9.77 5.52
CA ILE A 39 4.71 -10.06 6.90
C ILE A 39 3.85 -11.30 6.99
N PRO A 40 3.82 -11.95 8.15
CA PRO A 40 2.91 -13.09 8.34
C PRO A 40 1.48 -12.68 8.04
N GLY A 41 0.77 -13.52 7.27
CA GLY A 41 -0.60 -13.22 6.92
C GLY A 41 -1.59 -13.58 8.00
N PHE A 42 -2.79 -13.00 7.87
CA PHE A 42 -3.88 -13.26 8.78
C PHE A 42 -5.19 -13.12 7.99
N GLY A 43 -6.26 -13.67 8.54
CA GLY A 43 -7.56 -13.62 7.87
C GLY A 43 -8.13 -12.22 7.85
N LEU A 44 -8.75 -11.87 6.72
CA LEU A 44 -9.27 -10.52 6.51
C LEU A 44 -10.52 -10.57 5.64
N THR A 45 -11.44 -9.66 5.89
CA THR A 45 -12.53 -9.36 4.96
C THR A 45 -12.06 -8.40 3.88
N PRO A 46 -12.88 -8.23 2.82
CA PRO A 46 -12.62 -7.12 1.89
C PRO A 46 -12.41 -5.78 2.62
N ALA A 47 -13.30 -5.47 3.55
CA ALA A 47 -13.12 -4.25 4.36
C ALA A 47 -11.77 -4.24 5.05
N GLY A 48 -11.38 -5.39 5.63
CA GLY A 48 -10.09 -5.45 6.33
C GLY A 48 -8.91 -5.21 5.41
N ARG A 49 -8.93 -5.79 4.22
CA ARG A 49 -7.84 -5.56 3.26
C ARG A 49 -7.71 -4.09 2.91
N MET A 50 -8.84 -3.38 2.73
CA MET A 50 -8.74 -1.96 2.43
C MET A 50 -8.05 -1.23 3.57
N LEU A 51 -8.40 -1.59 4.81
CA LEU A 51 -7.83 -0.88 5.95
C LEU A 51 -6.32 -1.11 6.03
N VAL A 52 -5.89 -2.32 5.71
CA VAL A 52 -4.45 -2.59 5.66
C VAL A 52 -3.79 -1.71 4.60
N CYS A 53 -4.38 -1.69 3.40
CA CYS A 53 -3.89 -0.79 2.36
C CYS A 53 -3.76 0.64 2.87
N MET A 54 -4.73 1.09 3.67
CA MET A 54 -4.72 2.42 4.25
C MET A 54 -3.66 2.58 5.33
N GLY A 55 -3.07 1.49 5.78
CA GLY A 55 -2.17 1.53 6.93
C GLY A 55 -2.83 1.45 8.28
N GLU A 56 -4.11 1.10 8.34
CA GLU A 56 -4.79 0.88 9.60
C GLU A 56 -4.63 -0.56 10.01
N LYS A 57 -5.12 -0.89 11.21
CA LYS A 57 -4.99 -2.23 11.78
C LYS A 57 -6.37 -2.82 12.03
N PRO A 58 -6.90 -3.57 11.09
CA PRO A 58 -8.27 -4.11 11.24
C PRO A 58 -8.31 -5.32 12.16
N ALA A 59 -9.53 -5.63 12.59
CA ALA A 59 -9.78 -6.90 13.25
C ALA A 59 -9.52 -8.07 12.31
N HIS A 60 -9.00 -9.16 12.87
CA HIS A 60 -8.76 -10.38 12.12
C HIS A 60 -10.06 -11.16 11.93
N SER A 61 -10.11 -11.93 10.84
CA SER A 61 -11.26 -12.74 10.45
C SER A 61 -10.80 -14.17 10.28
N PRO A 62 -11.74 -15.11 10.23
CA PRO A 62 -11.42 -16.44 9.70
C PRO A 62 -10.62 -16.39 8.41
N PHE A 63 -9.75 -17.39 8.20
CA PHE A 63 -9.06 -17.54 6.93
C PHE A 63 -10.06 -17.69 5.78
N THR A 64 -9.59 -17.33 4.58
CA THR A 64 -10.40 -17.37 3.38
C THR A 64 -9.79 -18.26 2.29
N SER A 65 -8.52 -18.63 2.40
CA SER A 65 -7.82 -19.40 1.38
C SER A 65 -7.79 -18.67 0.05
N SER A 66 -7.84 -17.34 0.09
CA SER A 66 -7.95 -16.53 -1.10
C SER A 66 -6.66 -15.75 -1.33
N LYS A 67 -6.40 -15.41 -2.59
CA LYS A 67 -5.29 -14.53 -2.94
C LYS A 67 -5.90 -13.30 -3.63
N SER A 68 -5.47 -12.12 -3.23
CA SER A 68 -5.96 -10.90 -3.83
C SER A 68 -4.86 -9.86 -3.88
N LEU A 69 -5.00 -8.94 -4.82
CA LEU A 69 -4.04 -7.88 -5.11
C LEU A 69 -4.72 -6.54 -5.03
N TYR A 70 -4.04 -5.58 -4.45
CA TYR A 70 -4.54 -4.22 -4.32
C TYR A 70 -3.42 -3.27 -4.79
N HIS A 71 -3.82 -2.20 -5.46
CA HIS A 71 -2.89 -1.27 -6.08
C HIS A 71 -3.08 0.09 -5.40
N VAL A 72 -2.03 0.55 -4.74
CA VAL A 72 -2.01 1.83 -4.01
C VAL A 72 -1.11 2.76 -4.78
N ILE A 73 -1.62 3.96 -5.12
CA ILE A 73 -0.85 4.94 -5.85
C ILE A 73 -0.64 6.18 -4.96
N PHE A 74 0.62 6.58 -4.77
CA PHE A 74 1.01 7.78 -4.07
C PHE A 74 1.55 8.78 -5.08
N THR A 75 1.06 10.03 -5.07
CA THR A 75 1.68 11.08 -5.84
C THR A 75 1.74 12.37 -5.00
N SER A 76 2.69 13.23 -5.36
CA SER A 76 2.80 14.53 -4.69
C SER A 76 3.41 15.56 -5.60
N THR A 77 2.95 16.79 -5.45
CA THR A 77 3.55 18.02 -5.93
C THR A 77 3.94 18.88 -4.74
N CYS A 78 4.45 20.07 -5.02
CA CYS A 78 4.75 21.02 -3.95
C CYS A 78 3.48 21.50 -3.24
N ASN A 79 2.28 21.19 -3.78
CA ASN A 79 1.03 21.66 -3.25
C ASN A 79 0.13 20.58 -2.65
N SER A 80 0.19 19.35 -3.14
CA SER A 80 -0.82 18.38 -2.79
C SER A 80 -0.25 16.96 -2.81
N PHE A 81 -0.92 16.11 -2.05
CA PHE A 81 -0.52 14.71 -1.87
C PHE A 81 -1.77 13.87 -2.11
N SER A 82 -1.66 12.89 -3.00
CA SER A 82 -2.79 12.04 -3.37
C SER A 82 -2.48 10.61 -2.97
N PHE A 83 -3.51 9.93 -2.48
CA PHE A 83 -3.42 8.54 -2.01
C PHE A 83 -4.65 7.79 -2.53
N THR A 84 -4.44 6.81 -3.42
CA THR A 84 -5.55 6.14 -4.06
C THR A 84 -5.37 4.62 -3.99
N ILE A 85 -6.44 3.90 -3.64
CA ILE A 85 -6.40 2.46 -3.47
C ILE A 85 -7.39 1.82 -4.49
N TYR A 86 -6.92 0.82 -5.21
CA TYR A 86 -7.71 0.06 -6.15
C TYR A 86 -7.76 -1.40 -5.73
N LYS A 87 -8.94 -2.01 -5.94
CA LYS A 87 -9.05 -3.46 -5.87
C LYS A 87 -8.53 -3.98 -7.21
N GLY A 88 -7.46 -4.75 -7.17
CA GLY A 88 -6.80 -5.14 -8.39
C GLY A 88 -5.99 -3.96 -8.87
N ARG A 89 -5.52 -4.05 -10.11
CA ARG A 89 -4.67 -3.00 -10.67
C ARG A 89 -5.55 -1.82 -11.09
N TYR A 90 -4.96 -0.61 -11.02
CA TYR A 90 -5.58 0.52 -11.68
C TYR A 90 -5.98 0.17 -13.09
N ARG A 91 -7.18 0.63 -13.48
CA ARG A 91 -7.59 0.70 -14.87
C ARG A 91 -8.32 2.03 -15.11
N SER A 92 -8.19 2.52 -16.33
CA SER A 92 -8.89 3.73 -16.76
C SER A 92 -10.34 3.75 -16.27
N TRP A 93 -10.99 2.59 -16.32
CA TRP A 93 -12.43 2.46 -16.07
C TRP A 93 -12.77 2.17 -14.61
N LYS A 94 -11.77 1.96 -13.74
CA LYS A 94 -12.00 1.42 -12.42
C LYS A 94 -12.20 2.56 -11.42
N LYS A 95 -13.22 2.41 -10.55
CA LYS A 95 -13.37 3.33 -9.41
C LYS A 95 -12.48 2.90 -8.26
N PRO A 96 -11.74 3.82 -7.65
CA PRO A 96 -10.98 3.47 -6.44
C PRO A 96 -11.92 3.05 -5.32
N ILE A 97 -11.40 2.21 -4.41
CA ILE A 97 -12.14 1.91 -3.20
C ILE A 97 -11.88 2.96 -2.12
N HIS A 98 -10.82 3.76 -2.26
CA HIS A 98 -10.54 4.83 -1.35
C HIS A 98 -9.64 5.86 -2.03
N ASP A 99 -9.93 7.14 -1.80
CA ASP A 99 -9.22 8.20 -2.51
C ASP A 99 -9.15 9.41 -1.61
N GLU A 100 -7.92 9.94 -1.42
CA GLU A 100 -7.66 10.98 -0.46
C GLU A 100 -6.71 11.98 -1.11
N LEU A 101 -7.04 13.28 -1.02
CA LEU A 101 -6.15 14.34 -1.46
C LEU A 101 -5.96 15.31 -0.30
N VAL A 102 -4.73 15.66 -0.02
CA VAL A 102 -4.37 16.46 1.16
C VAL A 102 -3.44 17.59 0.74
N ASP A 103 -3.59 18.76 1.37
CA ASP A 103 -2.78 19.93 1.06
C ASP A 103 -1.45 19.91 1.84
N ARG A 104 -0.69 18.84 1.64
CA ARG A 104 0.71 18.78 2.00
C ARG A 104 1.52 18.49 0.74
N GLY A 105 2.78 19.01 0.69
CA GLY A 105 3.60 18.79 -0.49
C GLY A 105 5.01 18.42 -0.15
N TYR A 106 5.71 17.95 -1.17
CA TYR A 106 7.12 17.54 -1.04
C TYR A 106 7.88 17.98 -2.28
N THR A 107 9.11 18.47 -2.06
CA THR A 107 9.93 18.98 -3.16
C THR A 107 11.26 18.23 -3.28
N THR A 108 11.39 17.08 -2.63
CA THR A 108 12.49 16.15 -2.85
C THR A 108 11.94 14.74 -2.78
N PHE A 109 12.50 13.84 -3.60
CA PHE A 109 12.01 12.48 -3.63
C PHE A 109 12.28 11.75 -2.32
N ARG A 110 13.43 11.98 -1.69
CA ARG A 110 13.74 11.26 -0.47
C ARG A 110 12.72 11.56 0.64
N GLU A 111 12.34 12.84 0.80
CA GLU A 111 11.30 13.17 1.77
C GLU A 111 9.93 12.62 1.35
N PHE A 112 9.59 12.71 0.07
CA PHE A 112 8.37 12.07 -0.43
C PHE A 112 8.34 10.57 -0.09
N PHE A 113 9.43 9.88 -0.37
CA PHE A 113 9.52 8.42 -0.10
C PHE A 113 9.38 8.13 1.38
N LYS A 114 10.01 8.94 2.22
CA LYS A 114 9.86 8.79 3.66
C LYS A 114 8.39 8.96 4.10
N ALA A 115 7.69 9.92 3.53
CA ALA A 115 6.27 10.07 3.82
C ALA A 115 5.47 8.86 3.37
N VAL A 116 5.76 8.34 2.17
CA VAL A 116 5.05 7.19 1.67
C VAL A 116 5.22 6.00 2.58
N ARG A 117 6.45 5.70 2.98
CA ARG A 117 6.71 4.55 3.82
C ARG A 117 6.05 4.71 5.19
N GLY A 118 5.85 5.95 5.63
CA GLY A 118 5.19 6.18 6.91
C GLY A 118 3.81 5.56 7.00
N TYR A 119 3.13 5.40 5.84
CA TYR A 119 1.78 4.78 5.88
C TYR A 119 1.80 3.38 6.47
N HIS A 120 2.87 2.60 6.24
CA HIS A 120 2.91 1.22 6.65
C HIS A 120 4.08 0.94 7.58
N ALA A 121 4.60 1.97 8.25
CA ALA A 121 5.65 1.86 9.25
C ALA A 121 5.43 0.73 10.24
N ASP A 122 4.21 0.62 10.80
CA ASP A 122 3.96 -0.38 11.81
C ASP A 122 3.96 -1.78 11.23
N TYR A 123 3.59 -1.92 9.97
CA TYR A 123 3.68 -3.23 9.32
C TYR A 123 5.12 -3.57 8.99
N TYR A 124 5.90 -2.59 8.60
CA TYR A 124 7.33 -2.81 8.33
C TYR A 124 8.04 -3.44 9.53
N LYS A 125 7.65 -3.03 10.76
CA LYS A 125 8.26 -3.63 11.94
C LYS A 125 8.06 -5.14 12.00
N GLN A 126 6.99 -5.64 11.41
CA GLN A 126 6.69 -7.07 11.44
C GLN A 126 7.31 -7.83 10.28
N ARG A 127 8.18 -7.19 9.49
CA ARG A 127 8.62 -7.85 8.27
C ARG A 127 9.47 -9.08 8.57
N LEU A 128 9.53 -9.95 7.59
CA LEU A 128 10.28 -11.22 7.68
C LEU A 128 11.49 -11.10 6.77
N ILE A 129 12.66 -11.48 7.31
CA ILE A 129 13.90 -11.34 6.59
C ILE A 129 14.72 -12.62 6.73
N HIS A 130 15.75 -12.75 5.89
CA HIS A 130 16.70 -13.82 6.03
C HIS A 130 17.60 -13.54 7.23
N ASP A 131 18.27 -14.60 7.70
CA ASP A 131 19.12 -14.52 8.86
C ASP A 131 20.54 -14.04 8.50
#